data_7OFO
#
_entry.id   7OFO
#
_entity_poly.entity_id   1
_entity_poly.type   'polypeptide(L)'
_entity_poly.pdbx_seq_one_letter_code
;SLGNGPILNVLVVLGVVLLGQFVVRRFFKS
;
_entity_poly.pdbx_strand_id   A
#
# COMPACT_ATOMS: atom_id res chain seq x y z
N SER A 1 -4.78 10.14 11.59
CA SER A 1 -5.05 10.95 12.81
C SER A 1 -4.46 12.34 12.64
N LEU A 2 -4.87 13.27 13.50
CA LEU A 2 -4.36 14.64 13.44
C LEU A 2 -4.58 15.24 12.05
N GLY A 3 -5.66 16.01 11.91
CA GLY A 3 -5.99 16.63 10.63
C GLY A 3 -4.83 17.46 10.10
N ASN A 4 -4.09 18.11 11.00
CA ASN A 4 -2.96 18.94 10.61
C ASN A 4 -1.96 18.13 9.78
N GLY A 5 -1.77 16.86 10.15
CA GLY A 5 -0.83 15.99 9.43
C GLY A 5 -1.53 14.71 8.98
N PRO A 6 -2.28 14.75 7.90
CA PRO A 6 -3.00 13.53 7.40
C PRO A 6 -2.15 12.63 6.50
N ILE A 7 -0.86 12.92 6.39
CA ILE A 7 0.03 12.11 5.55
C ILE A 7 0.13 10.66 6.04
N LEU A 8 -0.07 10.44 7.34
CA LEU A 8 0.06 9.11 7.91
C LEU A 8 -0.90 8.14 7.21
N ASN A 9 -2.11 8.61 6.97
CA ASN A 9 -3.12 7.78 6.31
C ASN A 9 -2.64 7.36 4.93
N VAL A 10 -1.99 8.28 4.22
CA VAL A 10 -1.51 7.99 2.87
C VAL A 10 -0.46 6.88 2.92
N LEU A 11 0.47 6.98 3.87
CA LEU A 11 1.57 6.03 3.95
C LEU A 11 1.05 4.61 4.17
N VAL A 12 0.11 4.47 5.08
CA VAL A 12 -0.39 3.13 5.43
C VAL A 12 -1.11 2.48 4.24
N VAL A 13 -1.92 3.27 3.53
CA VAL A 13 -2.66 2.74 2.39
C VAL A 13 -1.68 2.26 1.32
N LEU A 14 -0.67 3.06 1.04
CA LEU A 14 0.30 2.73 0.00
C LEU A 14 1.01 1.42 0.33
N GLY A 15 1.37 1.24 1.59
CA GLY A 15 2.11 0.05 2.00
C GLY A 15 1.30 -1.21 1.73
N VAL A 16 0.03 -1.18 2.11
CA VAL A 16 -0.82 -2.35 1.95
C VAL A 16 -0.94 -2.74 0.48
N VAL A 17 -1.19 -1.75 -0.37
CA VAL A 17 -1.39 -2.00 -1.79
C VAL A 17 -0.13 -2.62 -2.39
N LEU A 18 1.02 -2.06 -2.06
CA LEU A 18 2.28 -2.52 -2.63
C LEU A 18 2.52 -3.99 -2.28
N LEU A 19 2.28 -4.35 -1.03
CA LEU A 19 2.53 -5.71 -0.57
C LEU A 19 1.70 -6.71 -1.36
N GLY A 20 0.43 -6.38 -1.57
CA GLY A 20 -0.47 -7.29 -2.28
C GLY A 20 0.00 -7.51 -3.71
N GLN A 21 0.32 -6.43 -4.40
CA GLN A 21 0.72 -6.53 -5.80
C GLN A 21 1.99 -7.37 -5.93
N PHE A 22 2.95 -7.16 -5.04
CA PHE A 22 4.24 -7.83 -5.14
C PHE A 22 4.09 -9.34 -5.02
N VAL A 23 3.38 -9.77 -3.99
CA VAL A 23 3.28 -11.21 -3.71
C VAL A 23 2.52 -11.94 -4.83
N VAL A 24 1.46 -11.32 -5.34
CA VAL A 24 0.65 -11.97 -6.38
C VAL A 24 1.49 -12.19 -7.63
N ARG A 25 2.18 -11.14 -8.07
CA ARG A 25 2.97 -11.22 -9.29
C ARG A 25 4.09 -12.25 -9.16
N ARG A 26 4.73 -12.30 -8.00
CA ARG A 26 5.82 -13.23 -7.78
C ARG A 26 5.36 -14.67 -7.94
N PHE A 27 4.20 -15.00 -7.36
CA PHE A 27 3.67 -16.36 -7.45
C PHE A 27 3.42 -16.74 -8.90
N PHE A 28 2.78 -15.84 -9.63
CA PHE A 28 2.51 -16.08 -11.04
C PHE A 28 3.79 -16.36 -11.82
N LYS A 29 4.86 -15.65 -11.47
CA LYS A 29 6.14 -15.83 -12.16
C LYS A 29 6.60 -17.28 -12.12
N SER A 30 6.39 -17.94 -10.98
CA SER A 30 6.79 -19.34 -10.84
C SER A 30 5.64 -20.26 -11.24
N SER A 1 2.74 22.64 10.30
CA SER A 1 1.26 22.46 10.42
C SER A 1 0.89 21.06 9.95
N LEU A 2 -0.35 20.66 10.22
CA LEU A 2 -0.84 19.34 9.81
C LEU A 2 -0.74 19.15 8.30
N GLY A 3 -0.97 20.22 7.54
CA GLY A 3 -0.92 20.15 6.09
C GLY A 3 -2.31 19.88 5.51
N ASN A 4 -2.38 19.70 4.19
CA ASN A 4 -3.65 19.48 3.53
C ASN A 4 -4.37 18.27 4.12
N GLY A 5 -3.63 17.23 4.44
CA GLY A 5 -4.22 16.02 5.01
C GLY A 5 -3.19 15.23 5.83
N PRO A 6 -3.63 14.33 6.70
CA PRO A 6 -2.68 13.51 7.49
C PRO A 6 -1.84 12.59 6.61
N ILE A 7 -0.53 12.84 6.58
CA ILE A 7 0.38 12.04 5.76
C ILE A 7 0.37 10.57 6.19
N LEU A 8 0.14 10.31 7.47
CA LEU A 8 0.18 8.94 7.98
C LEU A 8 -0.83 8.07 7.23
N ASN A 9 -2.01 8.61 6.98
CA ASN A 9 -3.05 7.86 6.29
C ASN A 9 -2.57 7.42 4.91
N VAL A 10 -1.89 8.33 4.22
CA VAL A 10 -1.41 8.05 2.87
C VAL A 10 -0.42 6.88 2.90
N LEU A 11 0.50 6.91 3.85
CA LEU A 11 1.53 5.89 3.94
C LEU A 11 0.91 4.51 4.13
N VAL A 12 -0.10 4.43 5.00
CA VAL A 12 -0.71 3.15 5.32
C VAL A 12 -1.33 2.53 4.07
N VAL A 13 -2.08 3.33 3.33
CA VAL A 13 -2.77 2.84 2.14
C VAL A 13 -1.75 2.34 1.11
N LEU A 14 -0.71 3.14 0.87
CA LEU A 14 0.29 2.80 -0.12
C LEU A 14 0.98 1.48 0.22
N GLY A 15 1.28 1.29 1.51
CA GLY A 15 2.05 0.13 1.93
C GLY A 15 1.29 -1.17 1.67
N VAL A 16 0.05 -1.23 2.16
CA VAL A 16 -0.72 -2.46 2.06
C VAL A 16 -0.97 -2.83 0.59
N VAL A 17 -1.30 -1.84 -0.23
CA VAL A 17 -1.60 -2.11 -1.63
C VAL A 17 -0.37 -2.67 -2.33
N LEU A 18 0.79 -2.04 -2.11
CA LEU A 18 2.01 -2.46 -2.77
C LEU A 18 2.37 -3.90 -2.39
N LEU A 19 2.20 -4.23 -1.11
CA LEU A 19 2.57 -5.56 -0.63
C LEU A 19 1.76 -6.63 -1.36
N GLY A 20 0.47 -6.39 -1.50
CA GLY A 20 -0.40 -7.37 -2.15
C GLY A 20 0.03 -7.62 -3.59
N GLN A 21 0.27 -6.54 -4.31
CA GLN A 21 0.66 -6.64 -5.71
C GLN A 21 1.97 -7.41 -5.86
N PHE A 22 2.91 -7.15 -4.98
CA PHE A 22 4.22 -7.79 -5.06
C PHE A 22 4.10 -9.30 -4.93
N VAL A 23 3.36 -9.74 -3.93
CA VAL A 23 3.28 -11.17 -3.63
C VAL A 23 2.65 -11.93 -4.80
N VAL A 24 1.53 -11.44 -5.30
CA VAL A 24 0.79 -12.16 -6.33
C VAL A 24 1.60 -12.25 -7.63
N ARG A 25 2.20 -11.14 -8.03
CA ARG A 25 2.97 -11.12 -9.27
C ARG A 25 4.18 -12.05 -9.19
N ARG A 26 4.86 -12.05 -8.06
CA ARG A 26 6.03 -12.90 -7.87
C ARG A 26 5.68 -14.37 -8.05
N PHE A 27 4.57 -14.79 -7.46
CA PHE A 27 4.14 -16.19 -7.57
C PHE A 27 3.91 -16.54 -9.04
N PHE A 28 3.24 -15.64 -9.75
CA PHE A 28 2.98 -15.84 -11.17
C PHE A 28 4.28 -16.09 -11.94
N LYS A 29 5.34 -15.39 -11.54
CA LYS A 29 6.63 -15.54 -12.21
C LYS A 29 7.39 -16.73 -11.63
N SER A 30 8.15 -17.42 -12.49
CA SER A 30 8.92 -18.57 -12.04
C SER A 30 8.01 -19.64 -11.44
N SER A 1 -14.59 9.31 10.48
CA SER A 1 -13.20 9.83 10.71
C SER A 1 -12.60 10.24 9.37
N LEU A 2 -12.72 9.36 8.37
CA LEU A 2 -12.19 9.63 7.05
C LEU A 2 -10.70 9.96 7.12
N GLY A 3 -9.97 9.26 8.00
CA GLY A 3 -8.54 9.48 8.15
C GLY A 3 -8.24 10.91 8.59
N ASN A 4 -8.35 11.15 9.89
CA ASN A 4 -8.11 12.49 10.43
C ASN A 4 -6.74 13.01 10.02
N GLY A 5 -5.74 12.13 9.98
CA GLY A 5 -4.39 12.53 9.61
C GLY A 5 -4.34 12.99 8.15
N PRO A 6 -3.43 13.89 7.79
CA PRO A 6 -3.34 14.40 6.40
C PRO A 6 -2.43 13.57 5.51
N ILE A 7 -1.41 12.93 6.10
CA ILE A 7 -0.42 12.20 5.33
C ILE A 7 -0.21 10.79 5.88
N LEU A 8 -0.34 10.62 7.19
CA LEU A 8 -0.08 9.32 7.82
C LEU A 8 -0.97 8.25 7.21
N ASN A 9 -2.23 8.59 7.01
CA ASN A 9 -3.18 7.65 6.44
C ASN A 9 -2.72 7.20 5.05
N VAL A 10 -2.21 8.15 4.26
CA VAL A 10 -1.79 7.85 2.90
C VAL A 10 -0.64 6.83 2.91
N LEU A 11 0.32 7.04 3.80
CA LEU A 11 1.49 6.17 3.83
C LEU A 11 1.08 4.73 4.13
N VAL A 12 0.18 4.57 5.08
CA VAL A 12 -0.25 3.23 5.48
C VAL A 12 -0.90 2.50 4.29
N VAL A 13 -1.80 3.20 3.61
CA VAL A 13 -2.52 2.59 2.50
C VAL A 13 -1.55 2.16 1.42
N LEU A 14 -0.59 3.02 1.10
CA LEU A 14 0.36 2.72 0.02
C LEU A 14 1.14 1.45 0.33
N GLY A 15 1.55 1.29 1.58
CA GLY A 15 2.32 0.12 1.98
C GLY A 15 1.54 -1.15 1.73
N VAL A 16 0.26 -1.14 2.12
CA VAL A 16 -0.57 -2.32 1.97
C VAL A 16 -0.69 -2.71 0.50
N VAL A 17 -0.93 -1.71 -0.35
CA VAL A 17 -1.11 -1.96 -1.78
C VAL A 17 0.13 -2.63 -2.36
N LEU A 18 1.31 -2.11 -2.00
CA LEU A 18 2.55 -2.63 -2.53
C LEU A 18 2.72 -4.10 -2.17
N LEU A 19 2.41 -4.45 -0.92
CA LEU A 19 2.57 -5.82 -0.46
C LEU A 19 1.72 -6.77 -1.29
N GLY A 20 0.48 -6.36 -1.55
CA GLY A 20 -0.44 -7.20 -2.31
C GLY A 20 0.09 -7.46 -3.72
N GLN A 21 0.53 -6.39 -4.37
CA GLN A 21 1.02 -6.51 -5.74
C GLN A 21 2.22 -7.44 -5.82
N PHE A 22 3.10 -7.37 -4.83
CA PHE A 22 4.31 -8.18 -4.81
C PHE A 22 3.96 -9.66 -4.82
N VAL A 23 3.09 -10.04 -3.89
CA VAL A 23 2.74 -11.46 -3.73
C VAL A 23 2.07 -11.97 -5.01
N VAL A 24 1.13 -11.21 -5.54
CA VAL A 24 0.36 -11.64 -6.69
C VAL A 24 1.28 -11.88 -7.89
N ARG A 25 2.20 -10.95 -8.13
CA ARG A 25 3.04 -11.00 -9.32
C ARG A 25 3.85 -12.29 -9.34
N ARG A 26 4.44 -12.63 -8.20
CA ARG A 26 5.25 -13.84 -8.11
C ARG A 26 4.42 -15.11 -8.26
N PHE A 27 3.20 -15.11 -7.71
CA PHE A 27 2.36 -16.30 -7.78
C PHE A 27 2.07 -16.65 -9.24
N PHE A 28 1.71 -15.64 -10.02
CA PHE A 28 1.45 -15.83 -11.44
C PHE A 28 2.70 -16.33 -12.17
N LYS A 29 3.87 -15.88 -11.72
CA LYS A 29 5.13 -16.28 -12.37
C LYS A 29 5.12 -15.90 -13.85
N SER A 30 4.66 -14.68 -14.15
CA SER A 30 4.59 -14.21 -15.52
C SER A 30 5.80 -13.36 -15.85
N SER A 1 -3.95 16.90 14.83
CA SER A 1 -2.56 17.07 14.30
C SER A 1 -2.34 18.52 13.91
N LEU A 2 -1.09 18.97 14.02
CA LEU A 2 -0.75 20.35 13.69
C LEU A 2 -1.14 20.67 12.24
N GLY A 3 -0.95 19.70 11.35
CA GLY A 3 -1.28 19.91 9.94
C GLY A 3 -2.77 19.70 9.70
N ASN A 4 -3.23 20.04 8.50
CA ASN A 4 -4.64 19.90 8.16
C ASN A 4 -4.96 18.59 7.43
N GLY A 5 -3.99 17.68 7.31
CA GLY A 5 -4.23 16.41 6.63
C GLY A 5 -3.47 15.27 7.30
N PRO A 6 -3.94 14.05 7.19
CA PRO A 6 -3.24 12.88 7.80
C PRO A 6 -2.25 12.22 6.84
N ILE A 7 -1.02 12.72 6.82
CA ILE A 7 0.01 12.16 5.95
C ILE A 7 0.23 10.69 6.27
N LEU A 8 0.23 10.35 7.56
CA LEU A 8 0.47 8.98 7.98
C LEU A 8 -0.57 8.04 7.38
N ASN A 9 -1.83 8.49 7.32
CA ASN A 9 -2.91 7.64 6.85
C ASN A 9 -2.67 7.20 5.41
N VAL A 10 -2.31 8.15 4.56
CA VAL A 10 -2.14 7.85 3.14
C VAL A 10 -0.94 6.94 2.91
N LEU A 11 0.13 7.15 3.68
CA LEU A 11 1.33 6.34 3.54
C LEU A 11 1.00 4.88 3.82
N VAL A 12 0.19 4.64 4.86
CA VAL A 12 -0.16 3.27 5.24
C VAL A 12 -0.91 2.59 4.11
N VAL A 13 -1.87 3.29 3.53
CA VAL A 13 -2.70 2.70 2.48
C VAL A 13 -1.82 2.27 1.31
N LEU A 14 -0.91 3.14 0.92
CA LEU A 14 -0.02 2.84 -0.21
C LEU A 14 0.80 1.58 0.07
N GLY A 15 1.30 1.47 1.29
CA GLY A 15 2.14 0.34 1.66
C GLY A 15 1.38 -0.98 1.47
N VAL A 16 0.13 -0.99 1.91
CA VAL A 16 -0.68 -2.20 1.81
C VAL A 16 -0.84 -2.63 0.35
N VAL A 17 -1.12 -1.66 -0.51
CA VAL A 17 -1.34 -1.96 -1.93
C VAL A 17 -0.08 -2.61 -2.52
N LEU A 18 1.08 -2.04 -2.20
CA LEU A 18 2.33 -2.54 -2.75
C LEU A 18 2.56 -3.99 -2.34
N LEU A 19 2.28 -4.30 -1.08
CA LEU A 19 2.51 -5.64 -0.57
C LEU A 19 1.68 -6.65 -1.36
N GLY A 20 0.43 -6.31 -1.60
CA GLY A 20 -0.47 -7.20 -2.33
C GLY A 20 0.06 -7.49 -3.72
N GLN A 21 0.50 -6.44 -4.41
CA GLN A 21 0.99 -6.59 -5.77
C GLN A 21 2.19 -7.53 -5.81
N PHE A 22 3.07 -7.40 -4.84
CA PHE A 22 4.28 -8.22 -4.80
C PHE A 22 3.92 -9.70 -4.73
N VAL A 23 2.98 -10.02 -3.83
CA VAL A 23 2.59 -11.42 -3.64
C VAL A 23 2.05 -12.01 -4.93
N VAL A 24 1.21 -11.24 -5.62
CA VAL A 24 0.57 -11.73 -6.84
C VAL A 24 1.63 -12.08 -7.89
N ARG A 25 2.60 -11.19 -8.06
CA ARG A 25 3.63 -11.40 -9.06
C ARG A 25 4.42 -12.68 -8.77
N ARG A 26 4.74 -12.90 -7.50
CA ARG A 26 5.49 -14.07 -7.09
C ARG A 26 4.77 -15.35 -7.49
N PHE A 27 3.47 -15.41 -7.24
CA PHE A 27 2.68 -16.58 -7.59
C PHE A 27 2.69 -16.83 -9.09
N PHE A 28 2.53 -15.77 -9.86
CA PHE A 28 2.47 -15.87 -11.31
C PHE A 28 3.69 -16.60 -11.88
N LYS A 29 4.85 -16.37 -11.29
CA LYS A 29 6.09 -16.98 -11.78
C LYS A 29 6.76 -17.80 -10.68
N SER A 30 7.01 -19.07 -10.97
CA SER A 30 7.65 -19.95 -10.00
C SER A 30 8.60 -20.92 -10.70
N SER A 1 -11.01 11.60 15.05
CA SER A 1 -10.64 12.87 14.37
C SER A 1 -11.14 12.85 12.94
N LEU A 2 -11.63 14.00 12.47
CA LEU A 2 -12.13 14.10 11.10
C LEU A 2 -11.06 13.70 10.10
N GLY A 3 -9.81 14.07 10.37
CA GLY A 3 -8.70 13.68 9.52
C GLY A 3 -8.60 14.57 8.27
N ASN A 4 -8.69 15.88 8.48
CA ASN A 4 -8.55 16.83 7.37
C ASN A 4 -7.21 16.64 6.67
N GLY A 5 -6.16 16.38 7.45
CA GLY A 5 -4.82 16.17 6.89
C GLY A 5 -4.23 14.85 7.41
N PRO A 6 -4.68 13.73 6.92
CA PRO A 6 -4.19 12.41 7.40
C PRO A 6 -3.00 11.89 6.59
N ILE A 7 -1.85 12.54 6.73
CA ILE A 7 -0.65 12.14 6.00
C ILE A 7 -0.29 10.69 6.36
N LEU A 8 -0.40 10.36 7.65
CA LEU A 8 -0.06 9.01 8.10
C LEU A 8 -0.93 7.98 7.38
N ASN A 9 -2.21 8.30 7.22
CA ASN A 9 -3.13 7.39 6.55
C ASN A 9 -2.65 7.10 5.13
N VAL A 10 -2.16 8.12 4.45
CA VAL A 10 -1.73 7.97 3.06
C VAL A 10 -0.57 6.97 2.97
N LEU A 11 0.39 7.11 3.87
CA LEU A 11 1.55 6.23 3.86
C LEU A 11 1.12 4.78 4.07
N VAL A 12 0.18 4.57 4.99
CA VAL A 12 -0.24 3.22 5.33
C VAL A 12 -0.87 2.54 4.11
N VAL A 13 -1.78 3.24 3.44
CA VAL A 13 -2.49 2.63 2.31
C VAL A 13 -1.53 2.31 1.17
N LEU A 14 -0.56 3.19 0.93
CA LEU A 14 0.40 2.96 -0.16
C LEU A 14 1.19 1.68 0.10
N GLY A 15 1.63 1.49 1.34
CA GLY A 15 2.46 0.35 1.67
C GLY A 15 1.72 -0.96 1.46
N VAL A 16 0.49 -1.04 1.97
CA VAL A 16 -0.28 -2.27 1.89
C VAL A 16 -0.59 -2.64 0.44
N VAL A 17 -0.91 -1.64 -0.38
CA VAL A 17 -1.23 -1.90 -1.78
C VAL A 17 -0.03 -2.53 -2.49
N LEU A 18 1.16 -1.95 -2.27
CA LEU A 18 2.36 -2.43 -2.91
C LEU A 18 2.61 -3.89 -2.53
N LEU A 19 2.44 -4.19 -1.25
CA LEU A 19 2.69 -5.54 -0.77
C LEU A 19 1.79 -6.55 -1.48
N GLY A 20 0.52 -6.19 -1.64
CA GLY A 20 -0.43 -7.09 -2.28
C GLY A 20 0.01 -7.42 -3.70
N GLN A 21 0.42 -6.39 -4.44
CA GLN A 21 0.84 -6.58 -5.83
C GLN A 21 2.03 -7.54 -5.90
N PHE A 22 2.96 -7.40 -4.96
CA PHE A 22 4.15 -8.24 -4.96
C PHE A 22 3.78 -9.71 -4.80
N VAL A 23 2.87 -9.98 -3.87
CA VAL A 23 2.47 -11.35 -3.58
C VAL A 23 1.88 -12.00 -4.84
N VAL A 24 1.00 -11.26 -5.52
CA VAL A 24 0.35 -11.79 -6.70
C VAL A 24 1.40 -12.15 -7.76
N ARG A 25 2.37 -11.26 -7.95
CA ARG A 25 3.41 -11.50 -8.94
C ARG A 25 4.17 -12.78 -8.63
N ARG A 26 4.46 -13.01 -7.35
CA ARG A 26 5.19 -14.21 -6.94
C ARG A 26 4.46 -15.47 -7.38
N PHE A 27 3.15 -15.52 -7.19
CA PHE A 27 2.37 -16.67 -7.60
C PHE A 27 2.43 -16.88 -9.11
N PHE A 28 2.37 -15.77 -9.85
CA PHE A 28 2.40 -15.84 -11.31
C PHE A 28 1.24 -16.68 -11.83
N LYS A 29 0.05 -16.12 -11.78
CA LYS A 29 -1.14 -16.83 -12.26
C LYS A 29 -0.97 -17.27 -13.71
N SER A 30 -0.33 -16.43 -14.52
CA SER A 30 -0.11 -16.75 -15.92
C SER A 30 1.22 -17.49 -16.10
N SER A 1 5.17 15.78 21.96
CA SER A 1 3.82 15.45 21.42
C SER A 1 3.95 14.87 20.02
N LEU A 2 3.12 13.88 19.71
CA LEU A 2 3.16 13.25 18.40
C LEU A 2 2.90 14.28 17.29
N GLY A 3 2.01 15.22 17.55
CA GLY A 3 1.68 16.25 16.56
C GLY A 3 0.62 15.75 15.59
N ASN A 4 0.43 16.47 14.50
CA ASN A 4 -0.56 16.09 13.49
C ASN A 4 0.13 15.48 12.27
N GLY A 5 -0.34 14.31 11.86
CA GLY A 5 0.23 13.62 10.71
C GLY A 5 -0.85 13.23 9.70
N PRO A 6 -1.40 14.18 8.96
CA PRO A 6 -2.43 13.86 7.94
C PRO A 6 -1.92 12.89 6.88
N ILE A 7 -0.64 13.02 6.53
CA ILE A 7 -0.03 12.16 5.53
C ILE A 7 0.12 10.71 5.99
N LEU A 8 0.02 10.46 7.31
CA LEU A 8 0.21 9.11 7.85
C LEU A 8 -0.77 8.15 7.19
N ASN A 9 -2.01 8.60 7.02
CA ASN A 9 -3.03 7.75 6.41
C ASN A 9 -2.60 7.32 5.01
N VAL A 10 -2.02 8.26 4.27
CA VAL A 10 -1.58 7.96 2.91
C VAL A 10 -0.53 6.85 2.93
N LEU A 11 0.40 6.95 3.87
CA LEU A 11 1.49 5.98 3.95
C LEU A 11 0.93 4.56 4.14
N VAL A 12 -0.07 4.45 5.01
CA VAL A 12 -0.64 3.15 5.32
C VAL A 12 -1.24 2.53 4.05
N VAL A 13 -1.99 3.33 3.31
CA VAL A 13 -2.66 2.83 2.11
C VAL A 13 -1.64 2.30 1.11
N LEU A 14 -0.58 3.08 0.88
CA LEU A 14 0.42 2.71 -0.09
C LEU A 14 1.13 1.41 0.31
N GLY A 15 1.39 1.25 1.61
CA GLY A 15 2.12 0.08 2.09
C GLY A 15 1.35 -1.21 1.82
N VAL A 16 0.08 -1.23 2.22
CA VAL A 16 -0.71 -2.46 2.11
C VAL A 16 -0.92 -2.86 0.66
N VAL A 17 -1.26 -1.89 -0.19
CA VAL A 17 -1.55 -2.20 -1.59
C VAL A 17 -0.29 -2.71 -2.30
N LEU A 18 0.84 -2.08 -2.04
CA LEU A 18 2.09 -2.48 -2.68
C LEU A 18 2.45 -3.92 -2.33
N LEU A 19 2.30 -4.26 -1.05
CA LEU A 19 2.65 -5.60 -0.59
C LEU A 19 1.83 -6.65 -1.33
N GLY A 20 0.54 -6.39 -1.45
CA GLY A 20 -0.36 -7.35 -2.10
C GLY A 20 0.06 -7.57 -3.55
N GLN A 21 0.34 -6.48 -4.25
CA GLN A 21 0.70 -6.57 -5.67
C GLN A 21 1.96 -7.42 -5.85
N PHE A 22 2.94 -7.21 -4.97
CA PHE A 22 4.22 -7.90 -5.10
C PHE A 22 4.02 -9.41 -4.98
N VAL A 23 3.24 -9.83 -3.98
CA VAL A 23 3.05 -11.25 -3.73
C VAL A 23 2.40 -11.91 -4.95
N VAL A 24 1.37 -11.27 -5.49
CA VAL A 24 0.63 -11.85 -6.60
C VAL A 24 1.56 -12.05 -7.80
N ARG A 25 2.35 -11.03 -8.11
CA ARG A 25 3.24 -11.09 -9.26
C ARG A 25 4.21 -12.26 -9.14
N ARG A 26 4.76 -12.43 -7.95
CA ARG A 26 5.73 -13.50 -7.71
C ARG A 26 5.11 -14.86 -7.98
N PHE A 27 3.88 -15.07 -7.52
CA PHE A 27 3.20 -16.34 -7.74
C PHE A 27 3.06 -16.63 -9.23
N PHE A 28 2.67 -15.60 -9.97
CA PHE A 28 2.51 -15.74 -11.42
C PHE A 28 3.78 -16.26 -12.07
N LYS A 29 4.92 -15.76 -11.60
CA LYS A 29 6.21 -16.19 -12.15
C LYS A 29 6.37 -17.70 -12.08
N SER A 30 5.89 -18.30 -10.99
CA SER A 30 5.98 -19.75 -10.82
C SER A 30 5.16 -20.21 -9.62
N SER A 1 -9.90 17.81 14.44
CA SER A 1 -9.24 16.90 13.47
C SER A 1 -7.72 16.96 13.67
N LEU A 2 -7.04 15.90 13.27
CA LEU A 2 -5.58 15.84 13.41
C LEU A 2 -4.91 16.99 12.66
N GLY A 3 -5.46 17.33 11.49
CA GLY A 3 -4.90 18.42 10.69
C GLY A 3 -5.71 18.61 9.41
N ASN A 4 -5.22 19.48 8.53
CA ASN A 4 -5.91 19.75 7.27
C ASN A 4 -6.14 18.46 6.49
N GLY A 5 -5.17 17.55 6.53
CA GLY A 5 -5.30 16.27 5.85
C GLY A 5 -4.53 15.17 6.60
N PRO A 6 -4.95 13.93 6.53
CA PRO A 6 -4.24 12.82 7.22
C PRO A 6 -3.17 12.17 6.34
N ILE A 7 -1.99 12.78 6.28
CA ILE A 7 -0.91 12.23 5.48
C ILE A 7 -0.49 10.84 5.97
N LEU A 8 -0.62 10.59 7.27
CA LEU A 8 -0.28 9.28 7.82
C LEU A 8 -1.13 8.20 7.16
N ASN A 9 -2.40 8.50 6.95
CA ASN A 9 -3.31 7.54 6.32
C ASN A 9 -2.78 7.16 4.93
N VAL A 10 -2.27 8.14 4.20
CA VAL A 10 -1.78 7.89 2.85
C VAL A 10 -0.64 6.88 2.89
N LEU A 11 0.30 7.10 3.81
CA LEU A 11 1.46 6.22 3.91
C LEU A 11 1.03 4.78 4.15
N VAL A 12 0.06 4.60 5.03
CA VAL A 12 -0.41 3.26 5.37
C VAL A 12 -0.95 2.57 4.13
N VAL A 13 -1.76 3.29 3.35
CA VAL A 13 -2.38 2.71 2.17
C VAL A 13 -1.30 2.22 1.21
N LEU A 14 -0.28 3.04 1.00
CA LEU A 14 0.77 2.70 0.04
C LEU A 14 1.49 1.41 0.46
N GLY A 15 1.74 1.26 1.75
CA GLY A 15 2.44 0.08 2.25
C GLY A 15 1.64 -1.19 1.95
N VAL A 16 0.36 -1.15 2.27
CA VAL A 16 -0.49 -2.33 2.13
C VAL A 16 -0.56 -2.77 0.66
N VAL A 17 -0.81 -1.81 -0.23
CA VAL A 17 -1.00 -2.14 -1.64
C VAL A 17 0.30 -2.66 -2.26
N LEU A 18 1.43 -2.12 -1.84
CA LEU A 18 2.72 -2.54 -2.39
C LEU A 18 2.95 -4.02 -2.12
N LEU A 19 2.72 -4.42 -0.87
CA LEU A 19 2.94 -5.82 -0.49
C LEU A 19 2.04 -6.73 -1.30
N GLY A 20 0.77 -6.35 -1.42
CA GLY A 20 -0.20 -7.16 -2.14
C GLY A 20 0.22 -7.36 -3.59
N GLN A 21 0.70 -6.29 -4.22
CA GLN A 21 1.05 -6.35 -5.63
C GLN A 21 2.14 -7.38 -5.87
N PHE A 22 3.18 -7.35 -5.03
CA PHE A 22 4.30 -8.26 -5.22
C PHE A 22 3.85 -9.70 -5.10
N VAL A 23 3.03 -9.99 -4.09
CA VAL A 23 2.58 -11.36 -3.85
C VAL A 23 1.83 -11.88 -5.08
N VAL A 24 0.95 -11.04 -5.62
CA VAL A 24 0.11 -11.47 -6.74
C VAL A 24 0.98 -11.88 -7.93
N ARG A 25 1.98 -11.05 -8.23
CA ARG A 25 2.84 -11.32 -9.39
C ARG A 25 3.55 -12.66 -9.24
N ARG A 26 4.03 -12.94 -8.04
CA ARG A 26 4.78 -14.18 -7.79
C ARG A 26 3.92 -15.41 -8.07
N PHE A 27 2.71 -15.46 -7.51
CA PHE A 27 1.84 -16.62 -7.70
C PHE A 27 1.39 -16.76 -9.15
N PHE A 28 1.03 -15.64 -9.77
CA PHE A 28 0.55 -15.65 -11.15
C PHE A 28 1.42 -14.75 -12.01
N LYS A 29 2.20 -15.38 -12.87
CA LYS A 29 3.06 -14.65 -13.80
C LYS A 29 2.25 -13.65 -14.63
N SER A 30 1.04 -14.03 -15.01
CA SER A 30 0.18 -13.16 -15.79
C SER A 30 -0.42 -12.07 -14.93
N SER A 1 -11.48 11.50 16.28
CA SER A 1 -11.84 10.14 15.82
C SER A 1 -10.65 9.21 15.97
N LEU A 2 -10.89 7.90 15.85
CA LEU A 2 -9.82 6.92 15.98
C LEU A 2 -8.70 7.21 14.99
N GLY A 3 -9.07 7.60 13.77
CA GLY A 3 -8.08 7.90 12.75
C GLY A 3 -7.64 9.35 12.80
N ASN A 4 -6.33 9.58 12.76
CA ASN A 4 -5.80 10.94 12.79
C ASN A 4 -4.57 11.04 11.91
N GLY A 5 -4.01 12.25 11.82
CA GLY A 5 -2.82 12.46 11.00
C GLY A 5 -3.07 12.04 9.55
N PRO A 6 -3.68 12.89 8.74
CA PRO A 6 -3.96 12.54 7.31
C PRO A 6 -2.74 11.95 6.61
N ILE A 7 -1.56 12.50 6.90
CA ILE A 7 -0.33 12.02 6.27
C ILE A 7 -0.13 10.55 6.60
N LEU A 8 -0.36 10.18 7.85
CA LEU A 8 -0.20 8.79 8.27
C LEU A 8 -1.09 7.88 7.44
N ASN A 9 -2.31 8.32 7.19
CA ASN A 9 -3.26 7.52 6.41
C ASN A 9 -2.68 7.24 5.03
N VAL A 10 -2.05 8.24 4.43
CA VAL A 10 -1.52 8.09 3.07
C VAL A 10 -0.46 7.00 3.05
N LEU A 11 0.45 7.04 4.02
CA LEU A 11 1.56 6.08 4.06
C LEU A 11 1.01 4.66 4.18
N VAL A 12 0.00 4.47 5.01
CA VAL A 12 -0.55 3.14 5.25
C VAL A 12 -1.11 2.57 3.95
N VAL A 13 -1.88 3.37 3.23
CA VAL A 13 -2.53 2.90 2.01
C VAL A 13 -1.46 2.46 1.00
N LEU A 14 -0.42 3.28 0.85
CA LEU A 14 0.62 2.99 -0.13
C LEU A 14 1.27 1.64 0.16
N GLY A 15 1.58 1.41 1.43
CA GLY A 15 2.29 0.19 1.83
C GLY A 15 1.46 -1.05 1.49
N VAL A 16 0.17 -1.00 1.83
CA VAL A 16 -0.68 -2.17 1.64
C VAL A 16 -0.78 -2.53 0.16
N VAL A 17 -0.99 -1.53 -0.70
CA VAL A 17 -1.22 -1.78 -2.11
C VAL A 17 0.00 -2.45 -2.73
N LEU A 18 1.18 -1.89 -2.48
CA LEU A 18 2.40 -2.41 -3.08
C LEU A 18 2.69 -3.84 -2.61
N LEU A 19 2.52 -4.09 -1.32
CA LEU A 19 2.81 -5.40 -0.76
C LEU A 19 1.96 -6.47 -1.43
N GLY A 20 0.68 -6.17 -1.59
CA GLY A 20 -0.25 -7.14 -2.17
C GLY A 20 0.14 -7.50 -3.59
N GLN A 21 0.42 -6.48 -4.40
CA GLN A 21 0.74 -6.70 -5.80
C GLN A 21 1.98 -7.57 -5.94
N PHE A 22 2.98 -7.31 -5.10
CA PHE A 22 4.24 -8.02 -5.18
C PHE A 22 4.04 -9.52 -4.94
N VAL A 23 3.34 -9.83 -3.85
CA VAL A 23 3.17 -11.23 -3.46
C VAL A 23 2.42 -12.00 -4.55
N VAL A 24 1.34 -11.42 -5.06
CA VAL A 24 0.47 -12.14 -5.99
C VAL A 24 1.22 -12.44 -7.28
N ARG A 25 1.89 -11.44 -7.86
CA ARG A 25 2.51 -11.62 -9.17
C ARG A 25 3.66 -12.63 -9.11
N ARG A 26 4.49 -12.54 -8.07
CA ARG A 26 5.63 -13.45 -7.95
C ARG A 26 5.18 -14.90 -7.81
N PHE A 27 4.14 -15.14 -7.02
CA PHE A 27 3.65 -16.50 -6.81
C PHE A 27 3.12 -17.08 -8.12
N PHE A 28 2.31 -16.30 -8.83
CA PHE A 28 1.74 -16.75 -10.09
C PHE A 28 2.83 -17.14 -11.08
N LYS A 29 3.91 -16.38 -11.09
CA LYS A 29 5.02 -16.66 -12.00
C LYS A 29 5.95 -17.71 -11.41
N SER A 30 6.31 -18.70 -12.23
CA SER A 30 7.19 -19.77 -11.77
C SER A 30 7.92 -20.39 -12.95
N SER A 1 -4.28 14.94 -2.42
CA SER A 1 -4.50 13.49 -2.10
C SER A 1 -5.99 13.20 -2.05
N LEU A 2 -6.41 12.19 -2.81
CA LEU A 2 -7.83 11.82 -2.85
C LEU A 2 -8.34 11.48 -1.44
N GLY A 3 -7.50 10.82 -0.64
CA GLY A 3 -7.88 10.45 0.71
C GLY A 3 -8.33 11.66 1.53
N ASN A 4 -7.67 12.79 1.31
CA ASN A 4 -8.00 14.02 2.04
C ASN A 4 -7.83 13.79 3.54
N GLY A 5 -6.77 13.11 3.92
CA GLY A 5 -6.49 12.82 5.32
C GLY A 5 -5.02 13.06 5.66
N PRO A 6 -4.65 13.07 6.92
CA PRO A 6 -3.22 13.29 7.31
C PRO A 6 -2.26 12.44 6.49
N ILE A 7 -0.98 12.84 6.47
CA ILE A 7 0.02 12.13 5.69
C ILE A 7 0.17 10.68 6.16
N LEU A 8 -0.01 10.44 7.46
CA LEU A 8 0.17 9.10 8.00
C LEU A 8 -0.77 8.12 7.32
N ASN A 9 -2.02 8.54 7.15
CA ASN A 9 -3.02 7.67 6.52
C ASN A 9 -2.59 7.29 5.11
N VAL A 10 -2.03 8.25 4.38
CA VAL A 10 -1.63 8.01 3.01
C VAL A 10 -0.55 6.92 2.95
N LEU A 11 0.44 7.03 3.83
CA LEU A 11 1.55 6.08 3.83
C LEU A 11 1.04 4.65 4.07
N VAL A 12 0.12 4.51 5.02
CA VAL A 12 -0.38 3.19 5.38
C VAL A 12 -1.06 2.55 4.17
N VAL A 13 -1.93 3.29 3.52
CA VAL A 13 -2.69 2.76 2.39
C VAL A 13 -1.74 2.28 1.29
N LEU A 14 -0.74 3.11 0.98
CA LEU A 14 0.21 2.79 -0.07
C LEU A 14 0.92 1.48 0.24
N GLY A 15 1.31 1.30 1.49
CA GLY A 15 2.06 0.12 1.89
C GLY A 15 1.26 -1.15 1.62
N VAL A 16 0.00 -1.13 2.01
CA VAL A 16 -0.85 -2.32 1.85
C VAL A 16 -0.95 -2.70 0.38
N VAL A 17 -1.18 -1.71 -0.46
CA VAL A 17 -1.39 -1.96 -1.89
C VAL A 17 -0.13 -2.61 -2.49
N LEU A 18 1.03 -2.07 -2.15
CA LEU A 18 2.28 -2.56 -2.71
C LEU A 18 2.52 -4.01 -2.34
N LEU A 19 2.26 -4.35 -1.07
CA LEU A 19 2.51 -5.70 -0.60
C LEU A 19 1.68 -6.71 -1.38
N GLY A 20 0.40 -6.38 -1.60
CA GLY A 20 -0.49 -7.29 -2.30
C GLY A 20 -0.02 -7.54 -3.72
N GLN A 21 0.32 -6.46 -4.42
CA GLN A 21 0.74 -6.57 -5.81
C GLN A 21 2.00 -7.42 -5.93
N PHE A 22 2.94 -7.22 -5.02
CA PHE A 22 4.23 -7.90 -5.11
C PHE A 22 4.07 -9.41 -4.97
N VAL A 23 3.34 -9.84 -3.94
CA VAL A 23 3.19 -11.26 -3.67
C VAL A 23 2.47 -11.96 -4.81
N VAL A 24 1.43 -11.33 -5.35
CA VAL A 24 0.65 -11.93 -6.42
C VAL A 24 1.55 -12.18 -7.63
N ARG A 25 2.34 -11.17 -7.99
CA ARG A 25 3.21 -11.27 -9.15
C ARG A 25 4.21 -12.41 -8.98
N ARG A 26 4.74 -12.54 -7.76
CA ARG A 26 5.75 -13.56 -7.48
C ARG A 26 5.23 -14.96 -7.78
N PHE A 27 4.04 -15.28 -7.28
CA PHE A 27 3.46 -16.60 -7.50
C PHE A 27 3.18 -16.85 -8.98
N PHE A 28 2.61 -15.84 -9.64
CA PHE A 28 2.31 -15.94 -11.05
C PHE A 28 3.56 -16.29 -11.87
N LYS A 29 4.69 -15.73 -11.47
CA LYS A 29 5.95 -15.96 -12.17
C LYS A 29 6.50 -17.35 -11.85
N SER A 30 6.93 -18.07 -12.88
CA SER A 30 7.48 -19.40 -12.70
C SER A 30 8.71 -19.36 -11.80
N SER A 1 -17.27 8.22 7.27
CA SER A 1 -17.13 8.94 8.57
C SER A 1 -16.45 10.29 8.33
N LEU A 2 -16.79 11.26 9.17
CA LEU A 2 -16.20 12.60 9.03
C LEU A 2 -15.03 12.76 9.99
N GLY A 3 -13.90 13.21 9.48
CA GLY A 3 -12.71 13.40 10.30
C GLY A 3 -11.54 13.91 9.46
N ASN A 4 -10.37 13.98 10.08
CA ASN A 4 -9.17 14.44 9.39
C ASN A 4 -8.34 13.25 8.92
N GLY A 5 -7.80 13.34 7.71
CA GLY A 5 -7.00 12.26 7.14
C GLY A 5 -5.57 12.75 6.84
N PRO A 6 -4.73 12.93 7.85
CA PRO A 6 -3.34 13.41 7.62
C PRO A 6 -2.59 12.56 6.60
N ILE A 7 -1.37 12.98 6.29
CA ILE A 7 -0.53 12.25 5.32
C ILE A 7 -0.25 10.83 5.82
N LEU A 8 -0.18 10.63 7.13
CA LEU A 8 0.17 9.33 7.69
C LEU A 8 -0.76 8.25 7.17
N ASN A 9 -2.05 8.58 7.09
CA ASN A 9 -3.05 7.62 6.61
C ASN A 9 -2.70 7.19 5.19
N VAL A 10 -2.28 8.14 4.36
CA VAL A 10 -1.96 7.84 2.97
C VAL A 10 -0.82 6.83 2.90
N LEU A 11 0.21 7.06 3.70
CA LEU A 11 1.39 6.20 3.67
C LEU A 11 1.02 4.76 4.02
N VAL A 12 0.17 4.60 5.03
CA VAL A 12 -0.20 3.26 5.50
C VAL A 12 -0.90 2.50 4.37
N VAL A 13 -1.86 3.16 3.73
CA VAL A 13 -2.62 2.51 2.66
C VAL A 13 -1.68 2.09 1.53
N LEU A 14 -0.77 2.98 1.16
CA LEU A 14 0.14 2.71 0.06
C LEU A 14 0.97 1.47 0.34
N GLY A 15 1.45 1.35 1.57
CA GLY A 15 2.29 0.22 1.94
C GLY A 15 1.56 -1.10 1.72
N VAL A 16 0.31 -1.13 2.16
CA VAL A 16 -0.49 -2.35 2.02
C VAL A 16 -0.63 -2.73 0.54
N VAL A 17 -0.90 -1.73 -0.30
CA VAL A 17 -1.11 -1.98 -1.71
C VAL A 17 0.14 -2.61 -2.32
N LEU A 18 1.30 -2.06 -2.00
CA LEU A 18 2.55 -2.54 -2.58
C LEU A 18 2.74 -4.02 -2.24
N LEU A 19 2.50 -4.37 -0.98
CA LEU A 19 2.68 -5.75 -0.53
C LEU A 19 1.82 -6.69 -1.36
N GLY A 20 0.58 -6.28 -1.61
CA GLY A 20 -0.32 -7.08 -2.41
C GLY A 20 0.25 -7.32 -3.80
N GLN A 21 0.86 -6.28 -4.37
CA GLN A 21 1.40 -6.38 -5.72
C GLN A 21 2.46 -7.46 -5.78
N PHE A 22 3.34 -7.49 -4.77
CA PHE A 22 4.43 -8.46 -4.76
C PHE A 22 3.86 -9.88 -4.76
N VAL A 23 2.88 -10.11 -3.91
CA VAL A 23 2.31 -11.45 -3.76
C VAL A 23 1.72 -11.92 -5.08
N VAL A 24 0.98 -11.04 -5.74
CA VAL A 24 0.29 -11.40 -6.98
C VAL A 24 1.29 -11.81 -8.05
N ARG A 25 2.34 -11.02 -8.21
CA ARG A 25 3.31 -11.27 -9.28
C ARG A 25 3.97 -12.63 -9.12
N ARG A 26 4.34 -12.96 -7.88
CA ARG A 26 5.00 -14.23 -7.60
C ARG A 26 4.09 -15.42 -7.90
N PHE A 27 2.83 -15.32 -7.49
CA PHE A 27 1.88 -16.41 -7.69
C PHE A 27 1.68 -16.68 -9.18
N PHE A 28 1.51 -15.61 -9.94
CA PHE A 28 1.29 -15.73 -11.39
C PHE A 28 2.52 -15.27 -12.14
N LYS A 29 3.33 -16.22 -12.57
CA LYS A 29 4.53 -15.92 -13.35
C LYS A 29 4.17 -15.15 -14.61
N SER A 30 3.04 -15.48 -15.23
CA SER A 30 2.61 -14.80 -16.43
C SER A 30 1.09 -14.57 -16.40
N SER A 1 -10.48 26.03 3.45
CA SER A 1 -10.09 25.03 2.40
C SER A 1 -10.65 23.67 2.78
N LEU A 2 -11.00 22.88 1.77
CA LEU A 2 -11.54 21.54 2.01
C LEU A 2 -10.55 20.69 2.81
N GLY A 3 -9.26 20.84 2.51
CA GLY A 3 -8.23 20.11 3.23
C GLY A 3 -8.00 18.73 2.62
N ASN A 4 -6.93 18.07 3.07
CA ASN A 4 -6.60 16.73 2.59
C ASN A 4 -6.52 15.76 3.76
N GLY A 5 -6.74 14.48 3.48
CA GLY A 5 -6.66 13.46 4.52
C GLY A 5 -5.26 13.43 5.14
N PRO A 6 -5.12 13.03 6.39
CA PRO A 6 -3.77 13.00 7.04
C PRO A 6 -2.75 12.24 6.21
N ILE A 7 -1.54 12.78 6.13
CA ILE A 7 -0.48 12.14 5.35
C ILE A 7 -0.15 10.75 5.88
N LEU A 8 -0.30 10.54 7.19
CA LEU A 8 -0.04 9.22 7.78
C LEU A 8 -0.92 8.17 7.12
N ASN A 9 -2.18 8.52 6.88
CA ASN A 9 -3.11 7.62 6.23
C ASN A 9 -2.57 7.21 4.85
N VAL A 10 -1.98 8.18 4.13
CA VAL A 10 -1.48 7.91 2.80
C VAL A 10 -0.40 6.83 2.86
N LEU A 11 0.53 6.98 3.80
CA LEU A 11 1.64 6.03 3.92
C LEU A 11 1.11 4.62 4.15
N VAL A 12 0.12 4.50 5.02
CA VAL A 12 -0.44 3.20 5.36
C VAL A 12 -1.02 2.54 4.10
N VAL A 13 -1.76 3.32 3.32
CA VAL A 13 -2.42 2.77 2.13
C VAL A 13 -1.38 2.23 1.16
N LEU A 14 -0.32 3.00 0.94
CA LEU A 14 0.71 2.61 -0.01
C LEU A 14 1.36 1.29 0.39
N GLY A 15 1.61 1.13 1.69
CA GLY A 15 2.27 -0.07 2.18
C GLY A 15 1.42 -1.31 1.91
N VAL A 16 0.14 -1.23 2.24
CA VAL A 16 -0.74 -2.38 2.13
C VAL A 16 -0.89 -2.80 0.68
N VAL A 17 -1.20 -1.84 -0.19
CA VAL A 17 -1.46 -2.16 -1.60
C VAL A 17 -0.22 -2.73 -2.27
N LEU A 18 0.95 -2.15 -1.97
CA LEU A 18 2.19 -2.60 -2.58
C LEU A 18 2.47 -4.05 -2.20
N LEU A 19 2.26 -4.39 -0.93
CA LEU A 19 2.53 -5.74 -0.46
C LEU A 19 1.69 -6.75 -1.22
N GLY A 20 0.42 -6.44 -1.41
CA GLY A 20 -0.50 -7.36 -2.08
C GLY A 20 -0.06 -7.60 -3.52
N GLN A 21 0.20 -6.52 -4.23
CA GLN A 21 0.61 -6.61 -5.63
C GLN A 21 1.92 -7.40 -5.77
N PHE A 22 2.82 -7.19 -4.82
CA PHE A 22 4.13 -7.83 -4.87
C PHE A 22 3.98 -9.35 -4.86
N VAL A 23 3.20 -9.84 -3.90
CA VAL A 23 3.03 -11.28 -3.74
C VAL A 23 2.39 -11.88 -4.99
N VAL A 24 1.32 -11.25 -5.47
CA VAL A 24 0.59 -11.78 -6.60
C VAL A 24 1.48 -11.86 -7.85
N ARG A 25 2.25 -10.82 -8.09
CA ARG A 25 3.03 -10.73 -9.32
C ARG A 25 4.02 -11.89 -9.40
N ARG A 26 4.71 -12.15 -8.30
CA ARG A 26 5.71 -13.23 -8.29
C ARG A 26 5.06 -14.61 -8.36
N PHE A 27 3.92 -14.78 -7.70
CA PHE A 27 3.26 -16.08 -7.67
C PHE A 27 2.92 -16.52 -9.09
N PHE A 28 2.33 -15.60 -9.86
CA PHE A 28 2.00 -15.88 -11.24
C PHE A 28 3.24 -16.17 -12.07
N LYS A 29 4.33 -15.48 -11.77
CA LYS A 29 5.59 -15.68 -12.48
C LYS A 29 6.31 -16.91 -11.97
N SER A 30 6.80 -17.74 -12.89
CA SER A 30 7.52 -18.96 -12.50
C SER A 30 8.81 -18.61 -11.77
N SER A 1 -2.93 28.52 3.17
CA SER A 1 -1.76 27.80 3.77
C SER A 1 -1.60 26.46 3.08
N LEU A 2 -2.66 25.66 3.06
CA LEU A 2 -2.63 24.35 2.43
C LEU A 2 -1.50 23.50 2.99
N GLY A 3 -1.76 22.85 4.12
CA GLY A 3 -0.76 22.01 4.77
C GLY A 3 -1.37 21.19 5.89
N ASN A 4 -0.53 20.49 6.64
CA ASN A 4 -0.99 19.66 7.75
C ASN A 4 -1.97 18.60 7.25
N GLY A 5 -1.64 18.01 6.11
CA GLY A 5 -2.48 16.95 5.54
C GLY A 5 -2.31 15.65 6.30
N PRO A 6 -3.22 14.70 6.16
CA PRO A 6 -3.09 13.39 6.87
C PRO A 6 -2.05 12.48 6.22
N ILE A 7 -0.78 12.75 6.51
CA ILE A 7 0.32 11.98 5.92
C ILE A 7 0.22 10.51 6.33
N LEU A 8 -0.17 10.26 7.58
CA LEU A 8 -0.21 8.90 8.09
C LEU A 8 -1.12 8.03 7.23
N ASN A 9 -2.27 8.58 6.85
CA ASN A 9 -3.23 7.83 6.04
C ASN A 9 -2.59 7.41 4.72
N VAL A 10 -1.83 8.32 4.12
CA VAL A 10 -1.21 8.05 2.83
C VAL A 10 -0.23 6.88 2.94
N LEU A 11 0.60 6.90 3.97
CA LEU A 11 1.62 5.88 4.13
C LEU A 11 1.00 4.50 4.28
N VAL A 12 -0.07 4.41 5.08
CA VAL A 12 -0.67 3.13 5.38
C VAL A 12 -1.25 2.49 4.13
N VAL A 13 -2.08 3.24 3.41
CA VAL A 13 -2.76 2.70 2.25
C VAL A 13 -1.77 2.30 1.16
N LEU A 14 -0.75 3.14 0.93
CA LEU A 14 0.24 2.87 -0.10
C LEU A 14 0.99 1.58 0.20
N GLY A 15 1.38 1.40 1.46
CA GLY A 15 2.20 0.25 1.83
C GLY A 15 1.46 -1.06 1.59
N VAL A 16 0.22 -1.13 2.06
CA VAL A 16 -0.54 -2.37 1.98
C VAL A 16 -0.82 -2.74 0.53
N VAL A 17 -1.17 -1.76 -0.29
CA VAL A 17 -1.49 -2.04 -1.69
C VAL A 17 -0.27 -2.63 -2.41
N LEU A 18 0.88 -1.99 -2.22
CA LEU A 18 2.09 -2.43 -2.91
C LEU A 18 2.47 -3.86 -2.50
N LEU A 19 2.36 -4.15 -1.21
CA LEU A 19 2.74 -5.46 -0.70
C LEU A 19 1.91 -6.55 -1.37
N GLY A 20 0.61 -6.32 -1.45
CA GLY A 20 -0.29 -7.31 -2.03
C GLY A 20 0.08 -7.60 -3.48
N GLN A 21 0.29 -6.53 -4.25
CA GLN A 21 0.59 -6.68 -5.67
C GLN A 21 1.86 -7.49 -5.87
N PHE A 22 2.87 -7.21 -5.06
CA PHE A 22 4.16 -7.88 -5.21
C PHE A 22 4.02 -9.38 -5.01
N VAL A 23 3.33 -9.77 -3.94
CA VAL A 23 3.20 -11.18 -3.61
C VAL A 23 2.50 -11.93 -4.74
N VAL A 24 1.43 -11.35 -5.28
CA VAL A 24 0.66 -12.01 -6.32
C VAL A 24 1.53 -12.20 -7.58
N ARG A 25 2.23 -11.16 -7.97
CA ARG A 25 2.98 -11.19 -9.23
C ARG A 25 4.07 -12.27 -9.20
N ARG A 26 4.81 -12.32 -8.11
CA ARG A 26 5.93 -13.26 -8.02
C ARG A 26 5.45 -14.71 -7.94
N PHE A 27 4.40 -14.96 -7.16
CA PHE A 27 3.89 -16.32 -7.01
C PHE A 27 3.42 -16.88 -8.34
N PHE A 28 2.66 -16.06 -9.08
CA PHE A 28 2.12 -16.48 -10.36
C PHE A 28 3.23 -16.93 -11.31
N LYS A 29 4.34 -16.19 -11.31
CA LYS A 29 5.46 -16.51 -12.19
C LYS A 29 6.78 -16.40 -11.45
N SER A 30 7.59 -17.45 -11.50
CA SER A 30 8.88 -17.46 -10.83
C SER A 30 9.95 -16.87 -11.73
N SER A 1 0.70 21.95 17.87
CA SER A 1 -0.69 21.89 18.38
C SER A 1 -1.58 21.17 17.37
N LEU A 2 -1.77 21.80 16.21
CA LEU A 2 -2.59 21.20 15.16
C LEU A 2 -1.73 20.45 14.16
N GLY A 3 -2.21 19.29 13.74
CA GLY A 3 -1.47 18.48 12.77
C GLY A 3 -1.55 19.08 11.37
N ASN A 4 -0.42 19.09 10.67
CA ASN A 4 -0.38 19.64 9.32
C ASN A 4 -1.40 18.95 8.41
N GLY A 5 -1.56 17.64 8.59
CA GLY A 5 -2.51 16.89 7.77
C GLY A 5 -2.46 15.41 8.12
N PRO A 6 -3.42 14.61 7.67
CA PRO A 6 -3.43 13.15 7.95
C PRO A 6 -2.58 12.36 6.94
N ILE A 7 -1.35 12.82 6.75
CA ILE A 7 -0.45 12.16 5.80
C ILE A 7 -0.17 10.71 6.20
N LEU A 8 -0.21 10.41 7.50
CA LEU A 8 0.08 9.06 7.99
C LEU A 8 -0.85 8.06 7.32
N ASN A 9 -2.12 8.41 7.22
CA ASN A 9 -3.11 7.53 6.61
C ASN A 9 -2.70 7.19 5.18
N VAL A 10 -2.21 8.18 4.45
CA VAL A 10 -1.82 7.98 3.06
C VAL A 10 -0.71 6.94 2.99
N LEU A 11 0.29 7.07 3.84
CA LEU A 11 1.43 6.17 3.83
C LEU A 11 0.97 4.72 4.03
N VAL A 12 0.03 4.53 4.95
CA VAL A 12 -0.45 3.18 5.26
C VAL A 12 -1.07 2.56 4.01
N VAL A 13 -1.89 3.33 3.30
CA VAL A 13 -2.58 2.80 2.12
C VAL A 13 -1.57 2.34 1.08
N LEU A 14 -0.57 3.18 0.82
CA LEU A 14 0.42 2.86 -0.21
C LEU A 14 1.19 1.59 0.14
N GLY A 15 1.53 1.44 1.43
CA GLY A 15 2.35 0.31 1.84
C GLY A 15 1.63 -1.02 1.62
N VAL A 16 0.41 -1.10 2.13
CA VAL A 16 -0.33 -2.36 2.06
C VAL A 16 -0.61 -2.75 0.61
N VAL A 17 -0.95 -1.77 -0.22
CA VAL A 17 -1.25 -2.04 -1.62
C VAL A 17 -0.02 -2.62 -2.31
N LEU A 18 1.13 -2.02 -2.08
CA LEU A 18 2.37 -2.47 -2.72
C LEU A 18 2.65 -3.92 -2.37
N LEU A 19 2.49 -4.27 -1.11
CA LEU A 19 2.76 -5.62 -0.65
C LEU A 19 1.89 -6.61 -1.40
N GLY A 20 0.62 -6.28 -1.55
CA GLY A 20 -0.31 -7.16 -2.24
C GLY A 20 0.13 -7.42 -3.68
N GLN A 21 0.57 -6.37 -4.34
CA GLN A 21 0.97 -6.47 -5.74
C GLN A 21 2.11 -7.46 -5.89
N PHE A 22 3.09 -7.37 -5.00
CA PHE A 22 4.25 -8.24 -5.06
C PHE A 22 3.85 -9.70 -4.91
N VAL A 23 2.98 -9.97 -3.95
CA VAL A 23 2.57 -11.35 -3.67
C VAL A 23 1.93 -11.96 -4.92
N VAL A 24 1.06 -11.19 -5.56
CA VAL A 24 0.35 -11.68 -6.74
C VAL A 24 1.35 -12.06 -7.84
N ARG A 25 2.35 -11.20 -8.04
CA ARG A 25 3.34 -11.44 -9.08
C ARG A 25 4.08 -12.76 -8.85
N ARG A 26 4.45 -12.99 -7.59
CA ARG A 26 5.18 -14.20 -7.24
C ARG A 26 4.37 -15.45 -7.51
N PHE A 27 3.07 -15.41 -7.20
CA PHE A 27 2.22 -16.59 -7.34
C PHE A 27 2.09 -17.00 -8.80
N PHE A 28 1.69 -16.06 -9.64
CA PHE A 28 1.49 -16.35 -11.05
C PHE A 28 1.10 -15.08 -11.83
N LYS A 29 -0.09 -14.56 -11.53
CA LYS A 29 -0.62 -13.41 -12.26
C LYS A 29 0.21 -12.17 -11.97
N SER A 30 0.28 -11.27 -12.95
CA SER A 30 1.05 -10.03 -12.80
C SER A 30 0.20 -8.96 -12.13
N SER A 1 -7.51 25.16 2.10
CA SER A 1 -6.84 25.33 3.42
C SER A 1 -5.57 24.48 3.46
N LEU A 2 -4.46 25.10 3.84
CA LEU A 2 -3.19 24.39 3.92
C LEU A 2 -2.95 23.87 5.33
N GLY A 3 -2.36 22.68 5.44
CA GLY A 3 -2.08 22.09 6.75
C GLY A 3 -3.27 21.27 7.24
N ASN A 4 -3.18 20.79 8.47
CA ASN A 4 -4.25 19.98 9.05
C ASN A 4 -4.52 18.75 8.18
N GLY A 5 -3.45 18.13 7.70
CA GLY A 5 -3.57 16.97 6.83
C GLY A 5 -2.95 15.73 7.50
N PRO A 6 -3.69 14.67 7.77
CA PRO A 6 -3.11 13.44 8.38
C PRO A 6 -2.45 12.54 7.33
N ILE A 7 -1.19 12.85 7.01
CA ILE A 7 -0.48 12.11 5.97
C ILE A 7 -0.17 10.66 6.39
N LEU A 8 -0.19 10.37 7.68
CA LEU A 8 0.13 9.03 8.16
C LEU A 8 -0.79 8.00 7.51
N ASN A 9 -2.07 8.33 7.44
CA ASN A 9 -3.05 7.43 6.84
C ASN A 9 -2.67 7.13 5.40
N VAL A 10 -2.22 8.15 4.67
CA VAL A 10 -1.88 7.98 3.26
C VAL A 10 -0.75 6.97 3.11
N LEU A 11 0.28 7.11 3.95
CA LEU A 11 1.44 6.22 3.86
C LEU A 11 1.01 4.77 4.05
N VAL A 12 0.12 4.54 5.01
CA VAL A 12 -0.31 3.19 5.31
C VAL A 12 -0.97 2.56 4.08
N VAL A 13 -1.85 3.32 3.44
CA VAL A 13 -2.60 2.79 2.30
C VAL A 13 -1.64 2.38 1.19
N LEU A 14 -0.68 3.24 0.89
CA LEU A 14 0.25 2.98 -0.21
C LEU A 14 1.03 1.70 0.05
N GLY A 15 1.46 1.51 1.31
CA GLY A 15 2.26 0.35 1.66
C GLY A 15 1.49 -0.94 1.41
N VAL A 16 0.25 -0.97 1.84
CA VAL A 16 -0.56 -2.18 1.73
C VAL A 16 -0.72 -2.57 0.26
N VAL A 17 -1.03 -1.59 -0.59
CA VAL A 17 -1.27 -1.86 -2.00
C VAL A 17 -0.03 -2.48 -2.63
N LEU A 18 1.13 -1.88 -2.37
CA LEU A 18 2.37 -2.32 -3.00
C LEU A 18 2.66 -3.78 -2.63
N LEU A 19 2.49 -4.11 -1.36
CA LEU A 19 2.76 -5.46 -0.90
C LEU A 19 1.86 -6.47 -1.62
N GLY A 20 0.60 -6.10 -1.80
CA GLY A 20 -0.34 -7.00 -2.44
C GLY A 20 0.14 -7.37 -3.84
N GLN A 21 0.61 -6.35 -4.58
CA GLN A 21 1.07 -6.58 -5.94
C GLN A 21 2.21 -7.59 -5.96
N PHE A 22 3.15 -7.43 -5.03
CA PHE A 22 4.31 -8.29 -4.99
C PHE A 22 3.88 -9.75 -4.80
N VAL A 23 2.98 -9.97 -3.85
CA VAL A 23 2.58 -11.33 -3.50
C VAL A 23 1.98 -12.02 -4.73
N VAL A 24 1.11 -11.32 -5.42
CA VAL A 24 0.39 -11.92 -6.54
C VAL A 24 1.39 -12.40 -7.60
N ARG A 25 2.35 -11.55 -7.93
CA ARG A 25 3.32 -11.87 -8.98
C ARG A 25 4.15 -13.09 -8.61
N ARG A 26 4.58 -13.16 -7.36
CA ARG A 26 5.45 -14.26 -6.92
C ARG A 26 4.79 -15.62 -7.10
N PHE A 27 3.53 -15.75 -6.68
CA PHE A 27 2.81 -17.01 -6.85
C PHE A 27 2.59 -17.32 -8.33
N PHE A 28 2.16 -16.31 -9.07
CA PHE A 28 1.94 -16.45 -10.50
C PHE A 28 1.56 -15.11 -11.12
N LYS A 29 2.24 -14.75 -12.20
CA LYS A 29 1.97 -13.48 -12.88
C LYS A 29 0.51 -13.35 -13.26
N SER A 30 -0.10 -14.46 -13.68
CA SER A 30 -1.51 -14.45 -14.07
C SER A 30 -1.98 -15.87 -14.39
N SER A 1 -4.49 18.76 10.62
CA SER A 1 -3.78 18.31 9.40
C SER A 1 -3.24 19.52 8.64
N LEU A 2 -1.92 19.67 8.63
CA LEU A 2 -1.29 20.78 7.93
C LEU A 2 -1.71 20.81 6.47
N GLY A 3 -1.76 19.64 5.85
CA GLY A 3 -2.19 19.54 4.45
C GLY A 3 -3.68 19.29 4.37
N ASN A 4 -4.20 19.18 3.14
CA ASN A 4 -5.62 18.91 2.95
C ASN A 4 -6.04 17.62 3.65
N GLY A 5 -5.16 16.62 3.62
CA GLY A 5 -5.44 15.34 4.27
C GLY A 5 -4.28 14.92 5.18
N PRO A 6 -4.47 13.95 6.04
CA PRO A 6 -3.38 13.49 6.95
C PRO A 6 -2.37 12.61 6.24
N ILE A 7 -1.08 12.87 6.48
CA ILE A 7 -0.02 12.08 5.85
C ILE A 7 -0.02 10.63 6.32
N LEU A 8 -0.46 10.39 7.56
CA LEU A 8 -0.47 9.04 8.11
C LEU A 8 -1.32 8.12 7.22
N ASN A 9 -2.46 8.64 6.75
CA ASN A 9 -3.38 7.83 5.98
C ASN A 9 -2.74 7.34 4.68
N VAL A 10 -2.08 8.23 3.96
CA VAL A 10 -1.52 7.89 2.66
C VAL A 10 -0.38 6.88 2.80
N LEU A 11 0.42 7.00 3.86
CA LEU A 11 1.53 6.07 4.07
C LEU A 11 1.01 4.64 4.29
N VAL A 12 -0.01 4.52 5.14
CA VAL A 12 -0.53 3.21 5.50
C VAL A 12 -1.09 2.51 4.25
N VAL A 13 -1.93 3.22 3.52
CA VAL A 13 -2.59 2.62 2.36
C VAL A 13 -1.59 2.22 1.29
N LEU A 14 -0.60 3.08 1.05
CA LEU A 14 0.39 2.82 0.01
C LEU A 14 1.15 1.53 0.32
N GLY A 15 1.53 1.36 1.58
CA GLY A 15 2.32 0.19 1.97
C GLY A 15 1.54 -1.09 1.71
N VAL A 16 0.28 -1.11 2.13
CA VAL A 16 -0.52 -2.32 2.00
C VAL A 16 -0.65 -2.70 0.53
N VAL A 17 -0.94 -1.73 -0.31
CA VAL A 17 -1.18 -1.99 -1.74
C VAL A 17 0.08 -2.59 -2.37
N LEU A 18 1.24 -2.01 -2.06
CA LEU A 18 2.48 -2.44 -2.69
C LEU A 18 2.76 -3.90 -2.37
N LEU A 19 2.61 -4.27 -1.10
CA LEU A 19 2.92 -5.63 -0.68
C LEU A 19 2.01 -6.63 -1.38
N GLY A 20 0.72 -6.30 -1.48
CA GLY A 20 -0.23 -7.22 -2.09
C GLY A 20 0.13 -7.49 -3.54
N GLN A 21 0.42 -6.44 -4.29
CA GLN A 21 0.70 -6.57 -5.71
C GLN A 21 1.94 -7.44 -5.92
N PHE A 22 2.96 -7.25 -5.10
CA PHE A 22 4.21 -7.99 -5.25
C PHE A 22 3.96 -9.48 -5.10
N VAL A 23 3.26 -9.85 -4.04
CA VAL A 23 3.04 -11.27 -3.74
C VAL A 23 2.28 -11.94 -4.90
N VAL A 24 1.24 -11.28 -5.38
CA VAL A 24 0.40 -11.88 -6.40
C VAL A 24 1.22 -12.17 -7.65
N ARG A 25 2.04 -11.21 -8.07
CA ARG A 25 2.81 -11.35 -9.30
C ARG A 25 3.76 -12.54 -9.22
N ARG A 26 4.47 -12.64 -8.10
CA ARG A 26 5.49 -13.68 -7.94
C ARG A 26 4.89 -15.09 -7.99
N PHE A 27 3.71 -15.27 -7.40
CA PHE A 27 3.08 -16.58 -7.39
C PHE A 27 2.50 -16.95 -8.75
N PHE A 28 1.75 -16.03 -9.36
CA PHE A 28 1.06 -16.27 -10.63
C PHE A 28 0.41 -17.67 -10.69
N LYS A 29 -0.71 -17.81 -10.00
CA LYS A 29 -1.41 -19.10 -9.96
C LYS A 29 -1.73 -19.59 -11.37
N SER A 30 -2.06 -18.67 -12.28
CA SER A 30 -2.37 -19.05 -13.65
C SER A 30 -3.52 -20.06 -13.68
N SER A 1 -1.99 16.14 -1.19
CA SER A 1 -3.18 16.85 -1.72
C SER A 1 -4.39 15.91 -1.71
N LEU A 2 -4.17 14.69 -2.20
CA LEU A 2 -5.25 13.70 -2.25
C LEU A 2 -5.80 13.44 -0.85
N GLY A 3 -4.91 13.40 0.14
CA GLY A 3 -5.33 13.16 1.52
C GLY A 3 -5.98 14.39 2.13
N ASN A 4 -7.00 14.19 2.95
CA ASN A 4 -7.70 15.29 3.60
C ASN A 4 -6.72 16.16 4.39
N GLY A 5 -5.77 15.52 5.05
CA GLY A 5 -4.78 16.25 5.85
C GLY A 5 -3.71 15.30 6.39
N PRO A 6 -3.97 14.59 7.48
CA PRO A 6 -2.95 13.66 8.06
C PRO A 6 -2.31 12.77 7.00
N ILE A 7 -1.01 12.96 6.78
CA ILE A 7 -0.28 12.17 5.79
C ILE A 7 -0.11 10.70 6.23
N LEU A 8 -0.26 10.41 7.52
CA LEU A 8 -0.07 9.05 8.02
C LEU A 8 -1.00 8.09 7.30
N ASN A 9 -2.24 8.51 7.09
CA ASN A 9 -3.22 7.66 6.43
C ASN A 9 -2.73 7.27 5.04
N VAL A 10 -2.15 8.24 4.33
CA VAL A 10 -1.69 8.00 2.97
C VAL A 10 -0.59 6.92 2.96
N LEU A 11 0.36 7.05 3.88
CA LEU A 11 1.48 6.12 3.93
C LEU A 11 0.99 4.69 4.15
N VAL A 12 0.03 4.53 5.06
CA VAL A 12 -0.46 3.20 5.39
C VAL A 12 -1.08 2.54 4.15
N VAL A 13 -1.92 3.28 3.45
CA VAL A 13 -2.62 2.73 2.29
C VAL A 13 -1.61 2.28 1.24
N LEU A 14 -0.62 3.13 0.98
CA LEU A 14 0.36 2.85 -0.07
C LEU A 14 1.10 1.55 0.24
N GLY A 15 1.48 1.38 1.50
CA GLY A 15 2.26 0.21 1.90
C GLY A 15 1.49 -1.08 1.64
N VAL A 16 0.22 -1.08 2.03
CA VAL A 16 -0.60 -2.29 1.90
C VAL A 16 -0.73 -2.68 0.43
N VAL A 17 -1.01 -1.70 -0.41
CA VAL A 17 -1.21 -1.97 -1.84
C VAL A 17 0.05 -2.57 -2.45
N LEU A 18 1.19 -1.99 -2.13
CA LEU A 18 2.45 -2.44 -2.72
C LEU A 18 2.72 -3.90 -2.37
N LEU A 19 2.52 -4.24 -1.11
CA LEU A 19 2.79 -5.59 -0.65
C LEU A 19 1.93 -6.60 -1.41
N GLY A 20 0.65 -6.27 -1.57
CA GLY A 20 -0.28 -7.18 -2.23
C GLY A 20 0.16 -7.46 -3.67
N GLN A 21 0.54 -6.41 -4.37
CA GLN A 21 0.91 -6.54 -5.78
C GLN A 21 2.10 -7.48 -5.94
N PHE A 22 3.09 -7.32 -5.07
CA PHE A 22 4.31 -8.12 -5.17
C PHE A 22 3.98 -9.59 -5.00
N VAL A 23 3.19 -9.91 -3.98
CA VAL A 23 2.88 -11.31 -3.67
C VAL A 23 2.17 -11.96 -4.87
N VAL A 24 1.21 -11.25 -5.43
CA VAL A 24 0.38 -11.82 -6.50
C VAL A 24 1.27 -12.20 -7.69
N ARG A 25 2.16 -11.30 -8.07
CA ARG A 25 3.00 -11.53 -9.25
C ARG A 25 3.91 -12.74 -9.04
N ARG A 26 4.47 -12.88 -7.85
CA ARG A 26 5.39 -13.97 -7.57
C ARG A 26 4.70 -15.34 -7.72
N PHE A 27 3.52 -15.49 -7.13
CA PHE A 27 2.81 -16.77 -7.22
C PHE A 27 2.37 -17.07 -8.64
N PHE A 28 1.87 -16.07 -9.34
CA PHE A 28 1.40 -16.26 -10.71
C PHE A 28 2.32 -15.51 -11.67
N LYS A 29 3.20 -16.27 -12.31
CA LYS A 29 4.12 -15.70 -13.29
C LYS A 29 3.35 -14.97 -14.40
N SER A 30 2.23 -15.53 -14.81
CA SER A 30 1.41 -14.91 -15.85
C SER A 30 1.00 -13.50 -15.45
N SER A 1 -4.65 7.24 23.28
CA SER A 1 -4.50 6.43 22.03
C SER A 1 -3.58 7.18 21.07
N LEU A 2 -2.46 6.56 20.73
CA LEU A 2 -1.51 7.17 19.82
C LEU A 2 -1.77 6.69 18.39
N GLY A 3 -1.60 7.59 17.43
CA GLY A 3 -1.80 7.24 16.03
C GLY A 3 -2.51 8.37 15.27
N ASN A 4 -2.14 9.61 15.60
CA ASN A 4 -2.72 10.77 14.92
C ASN A 4 -1.77 11.30 13.86
N GLY A 5 -2.07 11.00 12.60
CA GLY A 5 -1.22 11.42 11.50
C GLY A 5 -2.02 11.54 10.20
N PRO A 6 -2.56 12.70 9.87
CA PRO A 6 -3.32 12.88 8.60
C PRO A 6 -2.61 12.26 7.40
N ILE A 7 -1.41 12.76 7.12
CA ILE A 7 -0.60 12.22 6.03
C ILE A 7 -0.16 10.77 6.30
N LEU A 8 0.01 10.42 7.57
CA LEU A 8 0.44 9.08 7.93
C LEU A 8 -0.51 8.04 7.36
N ASN A 9 -1.81 8.33 7.44
CA ASN A 9 -2.81 7.40 6.94
C ASN A 9 -2.58 7.09 5.46
N VAL A 10 -2.23 8.12 4.69
CA VAL A 10 -1.98 7.94 3.27
C VAL A 10 -0.83 6.97 3.07
N LEU A 11 0.23 7.12 3.86
CA LEU A 11 1.41 6.27 3.71
C LEU A 11 1.04 4.81 3.94
N VAL A 12 0.20 4.56 4.94
CA VAL A 12 -0.18 3.19 5.27
C VAL A 12 -0.90 2.55 4.09
N VAL A 13 -1.83 3.28 3.49
CA VAL A 13 -2.61 2.74 2.38
C VAL A 13 -1.68 2.34 1.24
N LEU A 14 -0.74 3.21 0.91
CA LEU A 14 0.18 2.95 -0.19
C LEU A 14 0.96 1.66 0.06
N GLY A 15 1.41 1.48 1.29
CA GLY A 15 2.21 0.31 1.63
C GLY A 15 1.43 -0.97 1.40
N VAL A 16 0.17 -0.98 1.83
CA VAL A 16 -0.66 -2.17 1.71
C VAL A 16 -0.80 -2.57 0.24
N VAL A 17 -1.04 -1.59 -0.61
CA VAL A 17 -1.26 -1.86 -2.03
C VAL A 17 -0.02 -2.52 -2.62
N LEU A 18 1.15 -1.98 -2.31
CA LEU A 18 2.39 -2.49 -2.88
C LEU A 18 2.61 -3.95 -2.48
N LEU A 19 2.35 -4.26 -1.22
CA LEU A 19 2.57 -5.61 -0.71
C LEU A 19 1.70 -6.61 -1.46
N GLY A 20 0.44 -6.24 -1.69
CA GLY A 20 -0.50 -7.13 -2.36
C GLY A 20 0.01 -7.46 -3.76
N GLN A 21 0.43 -6.43 -4.49
CA GLN A 21 0.89 -6.61 -5.85
C GLN A 21 2.07 -7.57 -5.90
N PHE A 22 2.99 -7.42 -4.95
CA PHE A 22 4.20 -8.23 -4.93
C PHE A 22 3.84 -9.71 -4.77
N VAL A 23 2.92 -9.99 -3.86
CA VAL A 23 2.53 -11.38 -3.60
C VAL A 23 1.97 -12.02 -4.85
N VAL A 24 1.13 -11.27 -5.57
CA VAL A 24 0.51 -11.81 -6.78
C VAL A 24 1.58 -12.21 -7.79
N ARG A 25 2.56 -11.33 -7.97
CA ARG A 25 3.65 -11.60 -8.89
C ARG A 25 4.43 -12.85 -8.49
N ARG A 26 4.64 -12.99 -7.18
CA ARG A 26 5.40 -14.13 -6.66
C ARG A 26 4.83 -15.45 -7.13
N PHE A 27 3.54 -15.66 -6.88
CA PHE A 27 2.87 -16.90 -7.28
C PHE A 27 1.39 -16.85 -6.89
N PHE A 28 0.64 -15.99 -7.56
CA PHE A 28 -0.80 -15.92 -7.34
C PHE A 28 -1.46 -17.28 -7.55
N LYS A 29 -0.99 -18.01 -8.55
CA LYS A 29 -1.54 -19.34 -8.85
C LYS A 29 -1.10 -20.35 -7.79
N SER A 30 -2.06 -21.16 -7.34
CA SER A 30 -1.76 -22.17 -6.33
C SER A 30 -0.64 -23.11 -6.81
N SER A 1 -1.36 27.12 8.30
CA SER A 1 -0.77 26.45 9.49
C SER A 1 -1.73 25.40 10.02
N LEU A 2 -3.00 25.77 10.17
CA LEU A 2 -4.00 24.85 10.66
C LEU A 2 -4.81 24.27 9.51
N GLY A 3 -4.95 22.95 9.48
CA GLY A 3 -5.71 22.28 8.43
C GLY A 3 -5.71 20.77 8.65
N ASN A 4 -6.26 20.04 7.68
CA ASN A 4 -6.31 18.59 7.77
C ASN A 4 -5.14 17.96 7.03
N GLY A 5 -4.27 17.29 7.78
CA GLY A 5 -3.09 16.66 7.20
C GLY A 5 -2.99 15.18 7.59
N PRO A 6 -3.78 14.32 6.99
CA PRO A 6 -3.72 12.87 7.30
C PRO A 6 -2.65 12.16 6.48
N ILE A 7 -1.44 12.71 6.49
CA ILE A 7 -0.34 12.15 5.72
C ILE A 7 -0.07 10.72 6.15
N LEU A 8 -0.13 10.47 7.45
CA LEU A 8 0.15 9.13 7.99
C LEU A 8 -0.79 8.11 7.36
N ASN A 9 -2.07 8.48 7.25
CA ASN A 9 -3.07 7.58 6.67
C ASN A 9 -2.66 7.19 5.25
N VAL A 10 -2.19 8.18 4.48
CA VAL A 10 -1.82 7.93 3.09
C VAL A 10 -0.69 6.90 3.02
N LEU A 11 0.31 7.07 3.86
CA LEU A 11 1.48 6.18 3.83
C LEU A 11 1.06 4.73 4.08
N VAL A 12 0.17 4.54 5.04
CA VAL A 12 -0.26 3.19 5.42
C VAL A 12 -0.94 2.52 4.22
N VAL A 13 -1.86 3.23 3.59
CA VAL A 13 -2.62 2.67 2.48
C VAL A 13 -1.67 2.25 1.36
N LEU A 14 -0.73 3.13 1.03
CA LEU A 14 0.20 2.87 -0.06
C LEU A 14 0.99 1.59 0.20
N GLY A 15 1.45 1.42 1.42
CA GLY A 15 2.25 0.26 1.77
C GLY A 15 1.48 -1.03 1.53
N VAL A 16 0.22 -1.05 1.95
CA VAL A 16 -0.60 -2.25 1.83
C VAL A 16 -0.75 -2.63 0.36
N VAL A 17 -1.03 -1.64 -0.49
CA VAL A 17 -1.27 -1.90 -1.90
C VAL A 17 -0.04 -2.53 -2.54
N LEU A 18 1.12 -1.95 -2.27
CA LEU A 18 2.36 -2.44 -2.88
C LEU A 18 2.62 -3.88 -2.48
N LEU A 19 2.42 -4.19 -1.20
CA LEU A 19 2.68 -5.54 -0.70
C LEU A 19 1.83 -6.55 -1.45
N GLY A 20 0.56 -6.21 -1.65
CA GLY A 20 -0.36 -7.11 -2.34
C GLY A 20 0.15 -7.40 -3.75
N GLN A 21 0.60 -6.36 -4.44
CA GLN A 21 1.06 -6.51 -5.81
C GLN A 21 2.22 -7.50 -5.88
N PHE A 22 3.15 -7.39 -4.94
CA PHE A 22 4.32 -8.27 -4.94
C PHE A 22 3.91 -9.72 -4.80
N VAL A 23 2.99 -9.99 -3.88
CA VAL A 23 2.57 -11.36 -3.61
C VAL A 23 1.96 -11.98 -4.87
N VAL A 24 1.12 -11.22 -5.55
CA VAL A 24 0.41 -11.76 -6.71
C VAL A 24 1.41 -12.17 -7.80
N ARG A 25 2.35 -11.27 -8.10
CA ARG A 25 3.33 -11.54 -9.15
C ARG A 25 4.15 -12.78 -8.83
N ARG A 26 4.54 -12.92 -7.57
CA ARG A 26 5.34 -14.06 -7.15
C ARG A 26 4.61 -15.38 -7.41
N PHE A 27 3.33 -15.43 -7.07
CA PHE A 27 2.54 -16.63 -7.29
C PHE A 27 2.49 -17.00 -8.76
N PHE A 28 2.34 -15.98 -9.61
CA PHE A 28 2.33 -16.17 -11.06
C PHE A 28 1.13 -17.01 -11.49
N LYS A 29 0.28 -16.41 -12.32
CA LYS A 29 -0.94 -17.08 -12.76
C LYS A 29 -1.85 -17.41 -11.57
N SER A 30 -2.11 -16.40 -10.74
CA SER A 30 -2.97 -16.59 -9.57
C SER A 30 -4.43 -16.56 -9.99
N SER A 1 -0.57 22.53 11.98
CA SER A 1 -1.67 23.41 11.48
C SER A 1 -2.99 22.63 11.49
N LEU A 2 -4.09 23.36 11.64
CA LEU A 2 -5.41 22.73 11.66
C LEU A 2 -6.01 22.69 10.25
N GLY A 3 -6.75 21.63 9.97
CA GLY A 3 -7.37 21.47 8.65
C GLY A 3 -6.37 20.95 7.62
N ASN A 4 -5.47 20.07 8.06
CA ASN A 4 -4.47 19.49 7.17
C ASN A 4 -4.79 18.03 6.89
N GLY A 5 -4.59 17.60 5.65
CA GLY A 5 -4.87 16.22 5.26
C GLY A 5 -4.08 15.25 6.14
N PRO A 6 -4.57 14.03 6.32
CA PRO A 6 -3.87 13.04 7.19
C PRO A 6 -2.76 12.31 6.44
N ILE A 7 -1.52 12.73 6.67
CA ILE A 7 -0.37 12.10 6.02
C ILE A 7 -0.27 10.62 6.41
N LEU A 8 -0.60 10.31 7.66
CA LEU A 8 -0.48 8.94 8.15
C LEU A 8 -1.30 7.99 7.28
N ASN A 9 -2.50 8.42 6.91
CA ASN A 9 -3.38 7.57 6.09
C ASN A 9 -2.70 7.25 4.76
N VAL A 10 -2.03 8.23 4.18
CA VAL A 10 -1.38 8.03 2.88
C VAL A 10 -0.31 6.95 2.98
N LEU A 11 0.51 7.03 4.01
CA LEU A 11 1.60 6.06 4.19
C LEU A 11 1.04 4.65 4.30
N VAL A 12 -0.04 4.50 5.06
CA VAL A 12 -0.60 3.18 5.32
C VAL A 12 -1.08 2.54 4.02
N VAL A 13 -1.85 3.29 3.23
CA VAL A 13 -2.43 2.73 2.02
C VAL A 13 -1.35 2.34 1.02
N LEU A 14 -0.30 3.15 0.90
CA LEU A 14 0.78 2.86 -0.04
C LEU A 14 1.46 1.54 0.30
N GLY A 15 1.72 1.33 1.59
CA GLY A 15 2.42 0.12 2.02
C GLY A 15 1.61 -1.13 1.72
N VAL A 16 0.33 -1.09 2.07
CA VAL A 16 -0.51 -2.28 1.94
C VAL A 16 -0.66 -2.68 0.48
N VAL A 17 -1.00 -1.71 -0.36
CA VAL A 17 -1.26 -2.01 -1.77
C VAL A 17 -0.01 -2.56 -2.45
N LEU A 18 1.15 -1.98 -2.15
CA LEU A 18 2.39 -2.41 -2.79
C LEU A 18 2.68 -3.87 -2.45
N LEU A 19 2.53 -4.22 -1.18
CA LEU A 19 2.83 -5.58 -0.73
C LEU A 19 1.95 -6.59 -1.43
N GLY A 20 0.66 -6.27 -1.55
CA GLY A 20 -0.30 -7.20 -2.14
C GLY A 20 0.05 -7.48 -3.60
N GLN A 21 0.32 -6.43 -4.35
CA GLN A 21 0.61 -6.58 -5.78
C GLN A 21 1.86 -7.43 -5.99
N PHE A 22 2.88 -7.21 -5.17
CA PHE A 22 4.15 -7.90 -5.35
C PHE A 22 3.99 -9.40 -5.15
N VAL A 23 3.36 -9.79 -4.05
CA VAL A 23 3.24 -11.20 -3.71
C VAL A 23 2.38 -11.94 -4.73
N VAL A 24 1.30 -11.31 -5.18
CA VAL A 24 0.40 -11.96 -6.13
C VAL A 24 1.16 -12.27 -7.43
N ARG A 25 1.90 -11.28 -7.93
CA ARG A 25 2.63 -11.46 -9.17
C ARG A 25 3.64 -12.60 -9.05
N ARG A 26 4.31 -12.67 -7.91
CA ARG A 26 5.31 -13.71 -7.67
C ARG A 26 4.70 -15.11 -7.77
N PHE A 27 3.50 -15.29 -7.22
CA PHE A 27 2.87 -16.60 -7.21
C PHE A 27 2.46 -17.02 -8.61
N PHE A 28 1.73 -16.16 -9.30
CA PHE A 28 1.22 -16.49 -10.63
C PHE A 28 2.34 -16.74 -11.63
N LYS A 29 3.45 -16.00 -11.50
CA LYS A 29 4.55 -16.10 -12.44
C LYS A 29 5.87 -16.35 -11.70
N SER A 30 6.69 -17.23 -12.26
CA SER A 30 7.97 -17.54 -11.65
C SER A 30 7.78 -18.12 -10.25
N SER A 1 -7.06 21.37 -3.11
CA SER A 1 -7.20 21.70 -1.66
C SER A 1 -5.82 21.93 -1.07
N LEU A 2 -5.53 23.19 -0.74
CA LEU A 2 -4.24 23.53 -0.16
C LEU A 2 -4.01 22.76 1.12
N GLY A 3 -5.05 22.64 1.94
CA GLY A 3 -4.94 21.92 3.20
C GLY A 3 -4.74 20.43 2.97
N ASN A 4 -3.76 19.85 3.65
CA ASN A 4 -3.45 18.44 3.51
C ASN A 4 -3.82 17.67 4.78
N GLY A 5 -4.53 16.55 4.61
CA GLY A 5 -4.92 15.72 5.74
C GLY A 5 -3.73 14.95 6.29
N PRO A 6 -3.86 14.32 7.45
CA PRO A 6 -2.72 13.54 8.04
C PRO A 6 -2.05 12.63 7.02
N ILE A 7 -0.78 12.89 6.74
CA ILE A 7 -0.04 12.11 5.76
C ILE A 7 0.14 10.65 6.20
N LEU A 8 0.12 10.40 7.50
CA LEU A 8 0.39 9.06 8.02
C LEU A 8 -0.61 8.06 7.41
N ASN A 9 -1.88 8.45 7.37
CA ASN A 9 -2.91 7.56 6.85
C ASN A 9 -2.61 7.19 5.40
N VAL A 10 -2.17 8.18 4.63
CA VAL A 10 -1.88 7.95 3.21
C VAL A 10 -0.78 6.89 3.07
N LEU A 11 0.25 7.01 3.89
CA LEU A 11 1.39 6.10 3.80
C LEU A 11 0.95 4.67 4.03
N VAL A 12 0.07 4.47 5.00
CA VAL A 12 -0.41 3.12 5.32
C VAL A 12 -1.09 2.51 4.11
N VAL A 13 -1.95 3.28 3.46
CA VAL A 13 -2.72 2.78 2.33
C VAL A 13 -1.76 2.32 1.23
N LEU A 14 -0.77 3.17 0.93
CA LEU A 14 0.17 2.86 -0.14
C LEU A 14 0.91 1.57 0.16
N GLY A 15 1.30 1.38 1.41
CA GLY A 15 2.04 0.19 1.80
C GLY A 15 1.25 -1.07 1.49
N VAL A 16 -0.05 -1.03 1.79
CA VAL A 16 -0.90 -2.20 1.57
C VAL A 16 -0.91 -2.57 0.09
N VAL A 17 -1.06 -1.56 -0.76
CA VAL A 17 -1.14 -1.82 -2.20
C VAL A 17 0.13 -2.49 -2.69
N LEU A 18 1.27 -1.99 -2.24
CA LEU A 18 2.56 -2.54 -2.69
C LEU A 18 2.67 -4.01 -2.29
N LEU A 19 2.29 -4.32 -1.06
CA LEU A 19 2.42 -5.68 -0.56
C LEU A 19 1.59 -6.64 -1.40
N GLY A 20 0.36 -6.25 -1.71
CA GLY A 20 -0.56 -7.14 -2.40
C GLY A 20 -0.05 -7.47 -3.80
N GLN A 21 0.25 -6.44 -4.57
CA GLN A 21 0.64 -6.65 -5.97
C GLN A 21 1.92 -7.46 -6.07
N PHE A 22 2.90 -7.16 -5.21
CA PHE A 22 4.19 -7.84 -5.28
C PHE A 22 4.03 -9.34 -5.01
N VAL A 23 3.30 -9.67 -3.95
CA VAL A 23 3.16 -11.06 -3.56
C VAL A 23 2.47 -11.87 -4.67
N VAL A 24 1.43 -11.29 -5.26
CA VAL A 24 0.65 -12.00 -6.27
C VAL A 24 1.56 -12.37 -7.45
N ARG A 25 2.34 -11.39 -7.91
CA ARG A 25 3.21 -11.62 -9.06
C ARG A 25 4.23 -12.72 -8.76
N ARG A 26 4.76 -12.71 -7.54
CA ARG A 26 5.74 -13.71 -7.14
C ARG A 26 5.20 -15.12 -7.26
N PHE A 27 3.97 -15.33 -6.78
CA PHE A 27 3.34 -16.65 -6.86
C PHE A 27 3.17 -17.08 -8.31
N PHE A 28 2.73 -16.15 -9.15
CA PHE A 28 2.53 -16.44 -10.57
C PHE A 28 3.81 -16.99 -11.19
N LYS A 29 4.95 -16.41 -10.83
CA LYS A 29 6.23 -16.87 -11.35
C LYS A 29 7.29 -16.86 -10.25
N SER A 30 7.93 -18.02 -10.03
CA SER A 30 8.95 -18.12 -9.00
C SER A 30 10.10 -19.01 -9.49
#